data_1TPK
#
_entry.id   1TPK
#
_cell.length_a   54.800
_cell.length_b   63.580
_cell.length_c   46.580
_cell.angle_alpha   90.00
_cell.angle_beta   106.73
_cell.angle_gamma   90.00
#
_symmetry.space_group_name_H-M   'P 1 21 1'
#
loop_
_entity.id
_entity.type
_entity.pdbx_description
1 polymer 'TISSUE PLASMINOGEN ACTIVATOR'
2 non-polymer 'CHLORIDE ION'
3 water water
#
_entity_poly.entity_id   1
_entity_poly.type   'polypeptide(L)'
_entity_poly.pdbx_seq_one_letter_code
;GNSDCYFGNGSAYRGTHSLTESGASCLPWNSMILIGKVYTAQNPSAQALGLGKHNYCRNPDGDAKPWCHVLKNRRLTWEY
CDVPSCST
;
_entity_poly.pdbx_strand_id   A,B,C
#
# COMPACT_ATOMS: atom_id res chain seq x y z
N GLY A 1 21.19 11.44 31.20
CA GLY A 1 19.77 11.27 30.86
C GLY A 1 19.43 10.46 29.59
N ASN A 2 20.30 9.53 29.15
CA ASN A 2 20.10 8.74 27.91
C ASN A 2 20.00 7.19 28.06
N SER A 3 20.97 6.64 28.88
CA SER A 3 21.23 5.27 29.46
C SER A 3 20.82 3.82 29.03
N ASP A 4 20.13 3.73 27.89
CA ASP A 4 19.83 2.58 27.04
C ASP A 4 20.00 3.32 25.68
N CYS A 5 20.09 2.56 24.61
CA CYS A 5 20.15 3.09 23.26
C CYS A 5 19.67 2.01 22.32
N TYR A 6 19.46 2.24 21.03
CA TYR A 6 19.04 1.15 20.18
C TYR A 6 20.09 0.75 19.16
N PHE A 7 20.21 -0.54 18.87
CA PHE A 7 21.08 -1.05 17.81
C PHE A 7 20.32 -1.18 16.51
N GLY A 8 21.00 -0.84 15.42
CA GLY A 8 20.50 -0.94 14.04
C GLY A 8 19.44 0.10 13.77
N ASN A 9 18.24 -0.32 13.34
CA ASN A 9 17.11 0.60 13.24
C ASN A 9 16.18 0.57 14.47
N GLY A 10 16.61 -0.08 15.55
CA GLY A 10 15.85 -0.21 16.78
C GLY A 10 14.67 -1.16 16.72
N SER A 11 14.63 -2.05 15.74
CA SER A 11 13.51 -2.99 15.69
C SER A 11 13.45 -3.95 16.87
N ALA A 12 14.61 -4.26 17.49
CA ALA A 12 14.73 -5.06 18.72
C ALA A 12 14.67 -4.30 20.04
N TYR A 13 14.40 -2.99 19.97
CA TYR A 13 14.37 -2.11 21.11
C TYR A 13 13.05 -2.29 21.80
N ARG A 14 13.23 -2.40 23.10
CA ARG A 14 12.12 -2.62 24.01
C ARG A 14 12.28 -1.83 25.31
N GLY A 15 12.91 -0.66 25.23
CA GLY A 15 13.07 0.17 26.41
C GLY A 15 11.83 1.02 26.62
N THR A 16 12.03 1.95 27.53
CA THR A 16 10.92 2.75 27.99
C THR A 16 10.88 4.21 27.64
N HIS A 17 11.63 4.55 26.60
CA HIS A 17 11.61 5.90 26.09
C HIS A 17 10.23 6.13 25.53
N SER A 18 9.63 7.26 25.84
CA SER A 18 8.30 7.67 25.44
C SER A 18 8.18 9.15 25.02
N LEU A 19 9.29 9.74 24.55
CA LEU A 19 9.32 11.09 24.00
C LEU A 19 9.80 11.13 22.57
N THR A 20 9.23 11.99 21.75
CA THR A 20 9.69 12.11 20.38
C THR A 20 10.74 13.19 20.28
N GLU A 21 11.17 13.39 19.06
CA GLU A 21 12.20 14.37 18.74
C GLU A 21 11.82 15.80 19.02
N SER A 22 10.52 16.07 18.99
CA SER A 22 10.02 17.38 19.28
C SER A 22 9.67 17.58 20.75
N GLY A 23 10.02 16.60 21.59
CA GLY A 23 9.73 16.63 23.02
C GLY A 23 8.30 16.29 23.40
N ALA A 24 7.50 15.86 22.44
CA ALA A 24 6.14 15.44 22.69
C ALA A 24 6.16 14.03 23.24
N SER A 25 5.12 13.70 23.95
CA SER A 25 5.06 12.38 24.57
C SER A 25 4.24 11.49 23.69
N CYS A 26 4.69 10.25 23.57
CA CYS A 26 3.96 9.24 22.83
C CYS A 26 2.56 8.95 23.30
N LEU A 27 1.66 8.68 22.38
CA LEU A 27 0.40 8.08 22.69
C LEU A 27 0.62 6.59 23.00
N PRO A 28 -0.20 6.09 23.89
CA PRO A 28 -0.21 4.68 24.18
C PRO A 28 -0.49 3.86 22.95
N TRP A 29 0.11 2.70 22.70
CA TRP A 29 -0.27 1.88 21.56
C TRP A 29 -1.70 1.33 21.69
N ASN A 30 -2.29 1.39 22.88
CA ASN A 30 -3.67 0.97 23.07
C ASN A 30 -4.70 2.10 23.15
N SER A 31 -4.26 3.31 22.82
CA SER A 31 -5.20 4.43 22.66
C SER A 31 -6.35 4.26 21.66
N MET A 32 -7.55 4.59 22.06
CA MET A 32 -8.76 4.63 21.24
C MET A 32 -8.68 5.57 20.05
N ILE A 33 -7.83 6.58 20.18
CA ILE A 33 -7.62 7.51 19.08
C ILE A 33 -6.99 6.85 17.85
N LEU A 34 -6.37 5.67 18.02
CA LEU A 34 -5.66 4.94 16.98
C LEU A 34 -6.49 3.89 16.32
N ILE A 35 -7.81 3.84 16.52
CA ILE A 35 -8.62 2.84 15.86
C ILE A 35 -8.53 3.11 14.33
N GLY A 36 -8.25 2.12 13.50
CA GLY A 36 -8.07 2.38 12.08
C GLY A 36 -6.65 2.13 11.59
N LYS A 37 -5.70 2.50 12.47
CA LYS A 37 -4.27 2.31 12.35
C LYS A 37 -3.74 0.87 12.37
N VAL A 38 -2.64 0.55 11.72
CA VAL A 38 -2.14 -0.81 11.69
C VAL A 38 -1.28 -1.12 12.90
N TYR A 39 -0.45 -0.15 13.32
CA TYR A 39 0.48 -0.32 14.41
C TYR A 39 0.05 0.24 15.76
N THR A 40 -0.92 -0.53 16.23
CA THR A 40 -1.47 -0.42 17.55
C THR A 40 -1.20 -1.74 18.28
N ALA A 41 -1.69 -1.80 19.53
CA ALA A 41 -1.81 -2.97 20.42
C ALA A 41 -2.80 -4.09 20.03
N GLN A 42 -3.79 -3.77 19.20
CA GLN A 42 -4.74 -4.74 18.70
C GLN A 42 -4.21 -5.33 17.42
N ASN A 43 -2.98 -5.03 17.02
CA ASN A 43 -2.39 -5.69 15.88
C ASN A 43 -2.20 -7.17 16.29
N PRO A 44 -2.43 -8.15 15.43
CA PRO A 44 -2.25 -9.57 15.70
C PRO A 44 -0.84 -9.97 16.13
N SER A 45 0.16 -9.12 15.85
CA SER A 45 1.52 -9.39 16.26
C SER A 45 1.99 -8.42 17.30
N ALA A 46 1.14 -7.59 17.89
CA ALA A 46 1.47 -6.69 19.00
C ALA A 46 2.46 -7.25 19.99
N GLN A 47 2.17 -8.48 20.43
CA GLN A 47 3.04 -9.34 21.27
C GLN A 47 4.52 -9.38 20.88
N ALA A 48 4.74 -9.76 19.59
CA ALA A 48 6.07 -9.88 19.01
C ALA A 48 6.77 -8.58 18.69
N LEU A 49 5.93 -7.56 18.36
CA LEU A 49 6.36 -6.21 18.03
C LEU A 49 6.58 -5.32 19.22
N GLY A 50 6.08 -5.73 20.39
CA GLY A 50 6.23 -4.94 21.62
C GLY A 50 5.29 -3.76 21.72
N LEU A 51 4.16 -3.87 21.02
CA LEU A 51 3.14 -2.84 21.04
C LEU A 51 2.18 -3.31 22.10
N GLY A 52 2.02 -2.67 23.24
CA GLY A 52 1.13 -3.18 24.27
C GLY A 52 0.41 -2.08 25.00
N LYS A 53 0.17 -2.25 26.30
CA LYS A 53 -0.53 -1.24 27.08
C LYS A 53 0.47 -0.32 27.73
N HIS A 54 1.10 0.42 26.82
CA HIS A 54 2.18 1.33 27.18
C HIS A 54 2.41 2.41 26.13
N ASN A 55 3.24 3.46 26.35
CA ASN A 55 3.51 4.38 25.24
C ASN A 55 4.99 4.56 24.92
N TYR A 56 5.68 3.44 25.03
CA TYR A 56 7.07 3.36 24.70
C TYR A 56 7.36 3.23 23.22
N CYS A 57 8.43 3.86 22.80
CA CYS A 57 8.94 3.85 21.44
C CYS A 57 9.32 2.49 20.92
N ARG A 58 8.74 2.23 19.76
CA ARG A 58 8.94 0.99 19.04
C ARG A 58 9.08 1.27 17.56
N ASN A 59 9.75 0.33 16.93
CA ASN A 59 9.84 0.30 15.50
C ASN A 59 9.31 -1.06 15.12
N PRO A 60 8.00 -1.21 14.92
CA PRO A 60 7.36 -2.43 14.45
C PRO A 60 7.21 -2.67 12.91
N ASP A 61 7.57 -1.61 12.14
CA ASP A 61 7.34 -1.61 10.72
C ASP A 61 8.55 -1.41 9.84
N GLY A 62 9.73 -1.48 10.44
CA GLY A 62 10.98 -1.42 9.69
C GLY A 62 11.41 -0.02 9.28
N ASP A 63 11.03 0.94 10.12
CA ASP A 63 11.36 2.29 9.85
C ASP A 63 12.82 2.59 10.22
N ALA A 64 13.27 3.85 10.29
CA ALA A 64 14.69 4.20 10.49
C ALA A 64 15.33 4.03 11.86
N LYS A 65 14.45 4.27 12.86
CA LYS A 65 14.69 4.26 14.28
C LYS A 65 13.33 4.13 14.97
N PRO A 66 13.23 3.88 16.27
CA PRO A 66 11.98 3.86 17.02
C PRO A 66 11.17 5.12 16.93
N TRP A 67 9.88 4.90 16.78
CA TRP A 67 8.87 5.94 16.68
C TRP A 67 7.62 5.61 17.55
N CYS A 68 6.65 6.54 17.60
CA CYS A 68 5.37 6.31 18.22
C CYS A 68 4.38 7.30 17.65
N HIS A 69 3.10 7.05 17.91
CA HIS A 69 2.06 7.95 17.49
C HIS A 69 2.03 9.13 18.45
N VAL A 70 1.76 10.36 17.99
CA VAL A 70 1.62 11.48 18.86
C VAL A 70 0.54 12.33 18.27
N LEU A 71 0.21 13.30 19.08
CA LEU A 71 -0.73 14.34 18.77
C LEU A 71 0.11 15.60 18.67
N LYS A 72 0.05 16.26 17.51
CA LYS A 72 0.67 17.56 17.37
C LYS A 72 -0.45 18.55 17.08
N ASN A 73 -0.83 19.20 18.18
CA ASN A 73 -1.92 20.18 18.25
C ASN A 73 -3.26 19.49 17.92
N ARG A 74 -3.69 18.51 18.74
CA ARG A 74 -4.93 17.76 18.50
C ARG A 74 -5.07 16.97 17.21
N ARG A 75 -3.98 16.95 16.43
CA ARG A 75 -3.93 16.18 15.19
C ARG A 75 -3.13 14.88 15.38
N LEU A 76 -3.65 13.77 14.88
CA LEU A 76 -2.97 12.53 15.03
C LEU A 76 -1.96 12.33 13.91
N THR A 77 -0.71 12.29 14.33
CA THR A 77 0.39 12.03 13.42
C THR A 77 1.36 11.06 14.10
N TRP A 78 2.59 10.81 13.61
CA TRP A 78 3.49 9.96 14.33
C TRP A 78 4.85 10.64 14.34
N GLU A 79 5.91 10.17 14.99
CA GLU A 79 7.17 10.86 14.97
C GLU A 79 8.26 9.98 15.51
N TYR A 80 9.50 10.22 15.08
CA TYR A 80 10.59 9.43 15.59
C TYR A 80 10.89 9.92 16.97
N CYS A 81 11.36 8.90 17.67
CA CYS A 81 11.64 9.07 19.06
C CYS A 81 13.06 9.47 19.28
N ASP A 82 13.17 10.07 20.43
CA ASP A 82 14.41 10.61 20.94
C ASP A 82 15.42 9.60 21.52
N VAL A 83 15.47 8.34 21.06
CA VAL A 83 16.37 7.36 21.66
C VAL A 83 17.76 7.53 21.04
N PRO A 84 18.90 7.66 21.76
CA PRO A 84 20.23 7.65 21.16
C PRO A 84 20.49 6.36 20.42
N SER A 85 21.19 6.39 19.30
CA SER A 85 21.62 5.16 18.64
C SER A 85 22.76 4.57 19.45
N CYS A 86 22.98 3.26 19.60
CA CYS A 86 24.14 2.80 20.36
C CYS A 86 25.49 3.12 19.73
N SER A 87 25.39 3.59 18.49
CA SER A 87 26.50 4.08 17.65
C SER A 87 26.66 5.61 17.68
N THR A 88 25.79 6.18 18.52
CA THR A 88 25.65 7.54 19.01
C THR A 88 24.80 8.52 18.22
N GLY B 1 -14.84 -10.87 -15.51
CA GLY B 1 -14.58 -11.73 -16.68
C GLY B 1 -14.32 -13.20 -16.30
N ASN B 2 -13.77 -14.14 -17.12
CA ASN B 2 -13.58 -15.50 -16.57
C ASN B 2 -12.45 -15.45 -15.56
N SER B 3 -12.91 -16.17 -14.57
CA SER B 3 -12.35 -16.14 -13.26
C SER B 3 -11.45 -17.29 -12.91
N ASP B 4 -11.74 -18.53 -13.31
CA ASP B 4 -10.75 -19.54 -12.95
C ASP B 4 -10.02 -20.12 -14.11
N CYS B 5 -10.71 -20.30 -15.23
CA CYS B 5 -10.06 -20.81 -16.41
C CYS B 5 -10.30 -19.83 -17.54
N TYR B 6 -9.50 -19.99 -18.58
CA TYR B 6 -9.70 -19.17 -19.75
C TYR B 6 -10.33 -19.92 -20.91
N PHE B 7 -11.05 -19.15 -21.71
CA PHE B 7 -11.59 -19.62 -22.98
C PHE B 7 -10.83 -18.99 -24.15
N GLY B 8 -10.69 -19.78 -25.21
CA GLY B 8 -10.01 -19.40 -26.42
C GLY B 8 -8.52 -19.24 -26.22
N ASN B 9 -8.08 -18.00 -26.39
CA ASN B 9 -6.69 -17.67 -26.11
C ASN B 9 -6.65 -16.84 -24.84
N GLY B 10 -7.80 -16.69 -24.19
CA GLY B 10 -7.89 -16.00 -22.93
C GLY B 10 -7.81 -14.48 -22.95
N SER B 11 -8.33 -13.82 -23.98
CA SER B 11 -8.39 -12.36 -24.02
C SER B 11 -9.58 -11.82 -23.24
N ALA B 12 -10.57 -12.66 -22.96
CA ALA B 12 -11.70 -12.30 -22.11
C ALA B 12 -11.51 -12.57 -20.61
N TYR B 13 -10.44 -13.28 -20.28
CA TYR B 13 -10.04 -13.66 -18.94
C TYR B 13 -9.72 -12.49 -18.04
N ARG B 14 -10.47 -12.42 -16.96
CA ARG B 14 -10.23 -11.38 -16.00
C ARG B 14 -10.06 -11.94 -14.62
N GLY B 15 -9.33 -13.05 -14.58
CA GLY B 15 -9.10 -13.83 -13.37
C GLY B 15 -7.91 -13.39 -12.58
N THR B 16 -7.61 -14.13 -11.54
CA THR B 16 -6.58 -13.65 -10.64
C THR B 16 -5.29 -14.42 -10.62
N HIS B 17 -5.08 -15.25 -11.64
CA HIS B 17 -3.86 -16.00 -11.75
C HIS B 17 -2.70 -15.06 -11.92
N SER B 18 -1.65 -15.18 -11.13
CA SER B 18 -0.52 -14.28 -11.14
C SER B 18 0.78 -15.01 -11.20
N LEU B 19 0.75 -16.26 -11.60
CA LEU B 19 1.98 -17.00 -11.71
C LEU B 19 2.23 -17.49 -13.11
N THR B 20 3.47 -17.40 -13.58
CA THR B 20 3.79 -17.83 -14.92
C THR B 20 4.14 -19.30 -15.00
N GLU B 21 4.47 -19.79 -16.18
CA GLU B 21 4.74 -21.21 -16.41
C GLU B 21 5.80 -21.87 -15.58
N SER B 22 6.79 -21.03 -15.35
CA SER B 22 7.96 -21.44 -14.60
C SER B 22 7.79 -21.13 -13.13
N GLY B 23 6.57 -20.76 -12.73
CA GLY B 23 6.28 -20.47 -11.34
C GLY B 23 6.82 -19.17 -10.78
N ALA B 24 7.21 -18.23 -11.65
CA ALA B 24 7.56 -16.88 -11.20
C ALA B 24 6.31 -16.03 -11.10
N SER B 25 6.25 -14.99 -10.31
CA SER B 25 5.01 -14.22 -10.33
C SER B 25 5.12 -12.94 -11.14
N CYS B 26 4.01 -12.58 -11.73
CA CYS B 26 3.94 -11.42 -12.55
C CYS B 26 4.33 -10.14 -11.91
N LEU B 27 5.00 -9.28 -12.64
CA LEU B 27 5.18 -7.91 -12.19
C LEU B 27 3.81 -7.23 -12.32
N PRO B 28 3.49 -6.26 -11.53
CA PRO B 28 2.20 -5.59 -11.62
C PRO B 28 2.18 -4.78 -12.89
N TRP B 29 1.01 -4.64 -13.48
CA TRP B 29 0.86 -3.87 -14.69
C TRP B 29 1.14 -2.40 -14.48
N ASN B 30 1.24 -1.91 -13.25
CA ASN B 30 1.53 -0.49 -13.03
C ASN B 30 2.90 -0.13 -12.48
N SER B 31 3.71 -1.18 -12.47
CA SER B 31 5.08 -1.08 -12.09
C SER B 31 5.88 -0.06 -12.92
N MET B 32 6.70 0.66 -12.20
CA MET B 32 7.58 1.70 -12.72
C MET B 32 8.65 1.11 -13.66
N ILE B 33 8.95 -0.19 -13.44
CA ILE B 33 9.86 -0.96 -14.27
C ILE B 33 9.36 -1.07 -15.73
N LEU B 34 8.04 -0.98 -15.99
CA LEU B 34 7.47 -1.14 -17.32
C LEU B 34 7.23 0.15 -18.13
N ILE B 35 7.93 1.22 -17.73
CA ILE B 35 7.82 2.47 -18.45
C ILE B 35 8.54 2.19 -19.76
N GLY B 36 7.83 2.43 -20.88
CA GLY B 36 8.45 2.17 -22.15
C GLY B 36 7.73 1.06 -22.89
N LYS B 37 7.10 0.14 -22.14
CA LYS B 37 6.29 -0.93 -22.68
C LYS B 37 4.88 -0.58 -23.13
N VAL B 38 4.33 -1.34 -24.05
CA VAL B 38 3.00 -1.07 -24.61
C VAL B 38 1.87 -1.53 -23.69
N TYR B 39 1.95 -2.79 -23.22
CA TYR B 39 0.88 -3.29 -22.37
C TYR B 39 1.22 -3.15 -20.90
N THR B 40 0.73 -2.02 -20.40
CA THR B 40 0.95 -1.62 -19.03
C THR B 40 -0.33 -0.97 -18.64
N ALA B 41 -0.50 -0.59 -17.40
CA ALA B 41 -1.72 0.06 -16.95
C ALA B 41 -1.93 1.48 -17.45
N GLN B 42 -0.82 2.06 -17.95
CA GLN B 42 -0.76 3.41 -18.48
C GLN B 42 -1.23 3.53 -19.93
N ASN B 43 -1.40 2.36 -20.60
CA ASN B 43 -1.90 2.28 -21.96
C ASN B 43 -3.27 2.90 -22.06
N PRO B 44 -3.63 3.65 -23.10
CA PRO B 44 -4.93 4.28 -23.19
C PRO B 44 -6.14 3.32 -23.15
N SER B 45 -5.96 2.03 -23.43
CA SER B 45 -7.06 1.07 -23.36
C SER B 45 -6.90 0.12 -22.20
N ALA B 46 -6.10 0.43 -21.17
CA ALA B 46 -5.86 -0.51 -20.10
C ALA B 46 -7.11 -0.96 -19.37
N GLN B 47 -8.11 -0.10 -19.22
CA GLN B 47 -9.34 -0.47 -18.54
C GLN B 47 -10.06 -1.59 -19.27
N ALA B 48 -10.25 -1.37 -20.57
CA ALA B 48 -10.88 -2.34 -21.41
C ALA B 48 -10.06 -3.59 -21.61
N LEU B 49 -8.74 -3.52 -21.46
CA LEU B 49 -7.88 -4.67 -21.68
C LEU B 49 -7.58 -5.39 -20.38
N GLY B 50 -8.17 -4.96 -19.27
CA GLY B 50 -7.99 -5.60 -17.99
C GLY B 50 -6.63 -5.38 -17.36
N LEU B 51 -5.87 -4.35 -17.72
CA LEU B 51 -4.57 -4.15 -17.12
C LEU B 51 -4.81 -3.07 -16.08
N GLY B 52 -4.25 -3.24 -14.91
CA GLY B 52 -4.63 -2.30 -13.86
C GLY B 52 -3.74 -2.51 -12.67
N LYS B 53 -4.19 -2.07 -11.50
CA LYS B 53 -3.39 -2.12 -10.30
C LYS B 53 -3.34 -3.50 -9.62
N HIS B 54 -2.78 -4.43 -10.39
CA HIS B 54 -2.69 -5.82 -10.07
C HIS B 54 -1.59 -6.47 -10.90
N ASN B 55 -1.22 -7.72 -10.62
CA ASN B 55 -0.26 -8.46 -11.42
C ASN B 55 -0.92 -9.72 -11.98
N TYR B 56 -2.17 -9.70 -12.42
CA TYR B 56 -2.81 -10.89 -12.91
C TYR B 56 -2.51 -11.12 -14.39
N CYS B 57 -2.46 -12.36 -14.86
CA CYS B 57 -2.22 -12.67 -16.24
C CYS B 57 -3.39 -12.23 -17.09
N ARG B 58 -2.98 -11.57 -18.14
CA ARG B 58 -3.91 -11.14 -19.16
C ARG B 58 -3.39 -11.51 -20.54
N ASN B 59 -4.26 -11.53 -21.54
CA ASN B 59 -3.80 -11.56 -22.92
C ASN B 59 -4.35 -10.29 -23.58
N PRO B 60 -3.67 -9.11 -23.48
CA PRO B 60 -4.09 -7.84 -24.11
C PRO B 60 -3.80 -7.63 -25.61
N ASP B 61 -2.97 -8.54 -26.17
CA ASP B 61 -2.46 -8.45 -27.51
C ASP B 61 -2.72 -9.60 -28.50
N GLY B 62 -3.69 -10.48 -28.23
CA GLY B 62 -3.95 -11.59 -29.13
C GLY B 62 -2.84 -12.64 -29.13
N ASP B 63 -2.26 -12.94 -27.97
CA ASP B 63 -1.19 -13.93 -27.89
C ASP B 63 -1.79 -15.31 -27.65
N ALA B 64 -1.02 -16.39 -27.50
CA ALA B 64 -1.49 -17.78 -27.36
C ALA B 64 -2.42 -18.12 -26.17
N LYS B 65 -2.04 -17.61 -24.99
CA LYS B 65 -2.84 -17.69 -23.77
C LYS B 65 -2.50 -16.48 -22.90
N PRO B 66 -3.10 -16.22 -21.73
CA PRO B 66 -2.62 -15.22 -20.79
C PRO B 66 -1.14 -15.18 -20.45
N TRP B 67 -0.52 -13.98 -20.34
CA TRP B 67 0.90 -13.76 -20.00
C TRP B 67 1.01 -12.52 -19.09
N CYS B 68 2.18 -12.26 -18.56
CA CYS B 68 2.43 -11.08 -17.73
C CYS B 68 3.90 -10.73 -17.84
N HIS B 69 4.36 -9.53 -17.51
CA HIS B 69 5.78 -9.19 -17.55
C HIS B 69 6.41 -9.79 -16.31
N VAL B 70 7.61 -10.33 -16.36
CA VAL B 70 8.29 -10.87 -15.19
C VAL B 70 9.77 -10.53 -15.12
N LEU B 71 10.41 -10.58 -13.95
CA LEU B 71 11.84 -10.48 -13.85
C LEU B 71 12.41 -11.88 -13.83
N LYS B 72 13.13 -12.36 -14.83
CA LYS B 72 13.83 -13.63 -14.67
C LYS B 72 15.23 -13.19 -14.22
N ASN B 73 15.42 -12.98 -12.88
CA ASN B 73 16.68 -12.52 -12.27
C ASN B 73 17.19 -11.23 -12.85
N ARG B 74 16.79 -10.09 -12.30
CA ARG B 74 17.25 -8.82 -12.84
C ARG B 74 16.98 -8.51 -14.34
N ARG B 75 16.58 -9.43 -15.23
CA ARG B 75 16.27 -9.11 -16.61
C ARG B 75 14.76 -9.03 -16.82
N LEU B 76 14.24 -7.88 -17.27
CA LEU B 76 12.81 -7.71 -17.48
C LEU B 76 12.42 -8.37 -18.77
N THR B 77 11.57 -9.39 -18.72
CA THR B 77 11.12 -10.10 -19.90
C THR B 77 9.64 -10.35 -19.76
N TRP B 78 8.98 -11.35 -20.33
CA TRP B 78 7.56 -11.59 -20.15
C TRP B 78 7.40 -13.11 -20.28
N GLU B 79 6.28 -13.71 -19.87
CA GLU B 79 6.11 -15.15 -19.97
C GLU B 79 4.67 -15.49 -19.99
N TYR B 80 4.35 -16.63 -20.54
CA TYR B 80 2.99 -17.13 -20.44
C TYR B 80 2.65 -17.64 -19.05
N CYS B 81 1.39 -17.57 -18.70
CA CYS B 81 0.95 -18.08 -17.42
C CYS B 81 0.31 -19.44 -17.60
N ASP B 82 0.40 -20.23 -16.53
CA ASP B 82 -0.28 -21.50 -16.51
C ASP B 82 -1.71 -21.39 -15.98
N VAL B 83 -2.50 -20.56 -16.63
CA VAL B 83 -3.90 -20.45 -16.32
C VAL B 83 -4.48 -21.68 -16.97
N PRO B 84 -5.43 -22.38 -16.38
CA PRO B 84 -5.97 -23.58 -16.97
C PRO B 84 -6.95 -23.22 -18.05
N SER B 85 -6.97 -23.86 -19.21
CA SER B 85 -8.05 -23.56 -20.15
C SER B 85 -9.34 -24.22 -19.61
N CYS B 86 -10.53 -23.72 -19.95
CA CYS B 86 -11.76 -24.37 -19.53
C CYS B 86 -12.01 -25.65 -20.30
N SER B 87 -11.23 -25.90 -21.37
CA SER B 87 -11.34 -27.12 -22.15
C SER B 87 -9.99 -27.65 -22.46
N THR B 88 -9.72 -28.90 -22.12
CA THR B 88 -8.44 -29.47 -22.50
C THR B 88 -8.83 -30.88 -22.87
N GLY C 1 -5.06 17.36 6.37
CA GLY C 1 -6.08 18.30 6.85
C GLY C 1 -7.51 17.89 6.46
N ASN C 2 -8.63 18.52 6.91
CA ASN C 2 -9.98 18.14 6.47
C ASN C 2 -10.06 18.09 4.91
N SER C 3 -9.82 19.30 4.28
CA SER C 3 -9.88 19.58 2.85
C SER C 3 -11.10 18.94 2.24
N ASP C 4 -12.11 19.76 2.02
CA ASP C 4 -13.41 19.27 1.59
C ASP C 4 -13.69 18.82 0.18
N CYS C 5 -12.71 19.12 -0.68
CA CYS C 5 -12.78 18.81 -2.09
C CYS C 5 -11.42 18.89 -2.70
N TYR C 6 -11.28 18.29 -3.87
CA TYR C 6 -9.98 18.28 -4.53
C TYR C 6 -10.00 19.13 -5.81
N PHE C 7 -8.85 19.72 -6.17
CA PHE C 7 -8.63 20.41 -7.42
C PHE C 7 -8.01 19.46 -8.41
N GLY C 8 -8.22 19.68 -9.71
CA GLY C 8 -7.60 18.84 -10.74
C GLY C 8 -8.10 17.42 -10.67
N ASN C 9 -7.18 16.47 -10.70
CA ASN C 9 -7.52 15.08 -10.50
C ASN C 9 -7.16 14.61 -9.07
N GLY C 10 -6.84 15.56 -8.18
CA GLY C 10 -6.55 15.29 -6.80
C GLY C 10 -5.16 14.81 -6.53
N SER C 11 -4.21 15.06 -7.41
CA SER C 11 -2.85 14.61 -7.17
C SER C 11 -2.18 15.45 -6.09
N ALA C 12 -2.63 16.68 -5.87
CA ALA C 12 -2.18 17.52 -4.76
C ALA C 12 -2.97 17.38 -3.45
N TYR C 13 -4.11 16.65 -3.44
CA TYR C 13 -4.94 16.42 -2.27
C TYR C 13 -4.25 15.62 -1.13
N ARG C 14 -4.34 16.17 0.08
CA ARG C 14 -3.76 15.59 1.28
C ARG C 14 -4.74 15.69 2.45
N GLY C 15 -5.97 15.39 2.11
CA GLY C 15 -7.07 15.41 3.04
C GLY C 15 -7.17 14.07 3.75
N THR C 16 -8.12 14.09 4.66
CA THR C 16 -8.30 12.95 5.51
C THR C 16 -9.55 12.13 5.22
N HIS C 17 -10.06 12.23 3.99
CA HIS C 17 -11.21 11.41 3.59
C HIS C 17 -10.75 9.98 3.45
N SER C 18 -11.64 9.02 3.65
CA SER C 18 -11.22 7.65 3.65
C SER C 18 -12.33 6.66 3.40
N LEU C 19 -13.45 7.12 2.84
CA LEU C 19 -14.47 6.18 2.43
C LEU C 19 -14.47 6.18 0.92
N THR C 20 -14.72 5.04 0.32
CA THR C 20 -14.73 5.03 -1.11
C THR C 20 -16.13 5.35 -1.54
N GLU C 21 -16.39 5.27 -2.83
CA GLU C 21 -17.71 5.60 -3.35
C GLU C 21 -18.81 4.64 -2.94
N SER C 22 -18.43 3.37 -2.78
CA SER C 22 -19.37 2.33 -2.38
C SER C 22 -19.55 2.28 -0.88
N GLY C 23 -19.08 3.27 -0.12
CA GLY C 23 -19.25 3.33 1.33
C GLY C 23 -18.18 2.57 2.12
N ALA C 24 -17.19 2.05 1.39
CA ALA C 24 -16.10 1.28 1.98
C ALA C 24 -14.96 2.09 2.57
N SER C 25 -14.25 1.40 3.43
CA SER C 25 -13.23 2.05 4.18
C SER C 25 -11.91 1.66 3.57
N CYS C 26 -11.15 2.71 3.30
CA CYS C 26 -9.83 2.54 2.75
C CYS C 26 -8.94 1.69 3.63
N LEU C 27 -8.14 0.84 3.02
CA LEU C 27 -7.10 0.14 3.76
C LEU C 27 -5.96 1.13 4.00
N PRO C 28 -5.12 0.91 5.02
CA PRO C 28 -3.94 1.73 5.25
C PRO C 28 -2.90 1.43 4.23
N TRP C 29 -2.21 2.51 3.85
CA TRP C 29 -1.21 2.38 2.82
C TRP C 29 -0.07 1.56 3.39
N ASN C 30 0.03 1.48 4.74
CA ASN C 30 1.06 0.64 5.35
C ASN C 30 0.66 -0.74 5.80
N SER C 31 -0.52 -1.09 5.37
CA SER C 31 -1.04 -2.38 5.64
C SER C 31 -0.31 -3.44 4.83
N MET C 32 -0.09 -4.57 5.50
CA MET C 32 0.63 -5.75 5.01
C MET C 32 -0.06 -6.53 3.92
N ILE C 33 -1.36 -6.30 3.80
CA ILE C 33 -2.20 -6.84 2.74
C ILE C 33 -1.74 -6.27 1.41
N LEU C 34 -1.14 -5.06 1.42
CA LEU C 34 -0.63 -4.40 0.24
C LEU C 34 0.80 -4.77 -0.14
N ILE C 35 1.49 -5.71 0.51
CA ILE C 35 2.81 -6.17 0.06
C ILE C 35 2.67 -6.71 -1.37
N GLY C 36 3.46 -6.19 -2.31
CA GLY C 36 3.35 -6.58 -3.71
C GLY C 36 2.61 -5.58 -4.60
N LYS C 37 1.90 -4.61 -4.04
CA LYS C 37 1.23 -3.51 -4.77
C LYS C 37 2.21 -2.38 -5.05
N VAL C 38 2.02 -1.52 -6.05
CA VAL C 38 3.02 -0.48 -6.27
C VAL C 38 2.76 0.70 -5.37
N TYR C 39 1.49 1.08 -5.21
CA TYR C 39 1.20 2.25 -4.41
C TYR C 39 0.75 1.97 -2.99
N THR C 40 1.85 1.81 -2.25
CA THR C 40 1.86 1.57 -0.83
C THR C 40 2.78 2.58 -0.15
N ALA C 41 2.86 2.51 1.19
CA ALA C 41 3.76 3.35 1.97
C ALA C 41 5.22 2.89 1.80
N GLN C 42 5.48 1.67 1.29
CA GLN C 42 6.84 1.26 1.02
C GLN C 42 7.33 1.66 -0.37
N ASN C 43 6.46 2.35 -1.15
CA ASN C 43 6.81 3.00 -2.39
C ASN C 43 7.95 3.98 -2.12
N PRO C 44 9.02 4.06 -2.92
CA PRO C 44 10.15 4.92 -2.65
C PRO C 44 9.79 6.37 -2.79
N SER C 45 8.67 6.68 -3.44
CA SER C 45 8.15 8.05 -3.48
C SER C 45 7.04 8.28 -2.46
N ALA C 46 6.82 7.35 -1.52
CA ALA C 46 5.75 7.42 -0.54
C ALA C 46 5.56 8.77 0.09
N GLN C 47 6.64 9.38 0.59
CA GLN C 47 6.61 10.74 1.17
C GLN C 47 5.98 11.83 0.28
N ALA C 48 6.62 12.00 -0.89
CA ALA C 48 6.18 12.91 -1.93
C ALA C 48 4.70 12.76 -2.31
N LEU C 49 4.30 11.49 -2.44
CA LEU C 49 2.93 11.10 -2.78
C LEU C 49 1.94 11.08 -1.60
N GLY C 50 2.38 11.20 -0.33
CA GLY C 50 1.46 11.23 0.78
C GLY C 50 0.92 9.86 1.14
N LEU C 51 1.58 8.78 0.75
CA LEU C 51 1.13 7.43 1.09
C LEU C 51 1.88 7.14 2.37
N GLY C 52 1.18 7.16 3.48
CA GLY C 52 1.88 6.99 4.73
C GLY C 52 1.13 6.11 5.71
N LYS C 53 1.39 6.35 7.00
CA LYS C 53 0.78 5.64 8.09
C LYS C 53 -0.63 6.12 8.40
N HIS C 54 -1.51 5.95 7.41
CA HIS C 54 -2.88 6.34 7.49
C HIS C 54 -3.65 5.61 6.41
N ASN C 55 -4.94 5.83 6.32
CA ASN C 55 -5.70 5.25 5.25
C ASN C 55 -6.45 6.31 4.44
N TYR C 56 -5.89 7.50 4.25
CA TYR C 56 -6.58 8.58 3.56
C TYR C 56 -6.44 8.49 2.07
N CYS C 57 -7.50 8.93 1.39
CA CYS C 57 -7.59 8.99 -0.06
C CYS C 57 -6.52 9.84 -0.70
N ARG C 58 -5.78 9.15 -1.61
CA ARG C 58 -4.73 9.73 -2.43
C ARG C 58 -4.84 9.39 -3.93
N ASN C 59 -4.27 10.28 -4.77
CA ASN C 59 -4.12 10.06 -6.22
C ASN C 59 -2.61 10.12 -6.49
N PRO C 60 -1.88 9.02 -6.27
CA PRO C 60 -0.43 8.91 -6.47
C PRO C 60 0.09 8.55 -7.89
N ASP C 61 -0.85 8.34 -8.78
CA ASP C 61 -0.56 7.72 -10.05
C ASP C 61 -1.29 8.35 -11.21
N GLY C 62 -1.76 9.59 -10.99
CA GLY C 62 -2.51 10.33 -11.97
C GLY C 62 -3.81 9.68 -12.37
N ASP C 63 -4.55 9.04 -11.48
CA ASP C 63 -5.84 8.52 -11.87
C ASP C 63 -6.82 9.68 -11.92
N ALA C 64 -8.13 9.42 -12.07
CA ALA C 64 -9.11 10.43 -12.30
C ALA C 64 -9.41 11.35 -11.15
N LYS C 65 -9.19 10.83 -9.94
CA LYS C 65 -9.51 11.48 -8.64
C LYS C 65 -8.92 10.58 -7.55
N PRO C 66 -8.84 11.04 -6.27
CA PRO C 66 -8.31 10.25 -5.15
C PRO C 66 -8.96 8.90 -5.00
N TRP C 67 -8.21 7.85 -4.72
CA TRP C 67 -8.72 6.48 -4.54
C TRP C 67 -8.05 5.83 -3.34
N CYS C 68 -8.37 4.57 -2.98
CA CYS C 68 -7.58 3.88 -1.96
C CYS C 68 -7.64 2.41 -2.13
N HIS C 69 -6.71 1.62 -1.63
CA HIS C 69 -6.93 0.19 -1.69
C HIS C 69 -8.09 -0.23 -0.74
N VAL C 70 -8.93 -1.19 -1.12
CA VAL C 70 -10.02 -1.66 -0.27
C VAL C 70 -10.18 -3.17 -0.34
N LEU C 71 -10.78 -3.78 0.71
CA LEU C 71 -11.25 -5.15 0.58
C LEU C 71 -12.74 -5.11 0.35
N LYS C 72 -13.06 -5.71 -0.79
CA LYS C 72 -14.45 -5.87 -1.15
C LYS C 72 -14.67 -7.35 -1.27
N ASN C 73 -15.37 -7.84 -0.22
CA ASN C 73 -15.64 -9.27 -0.11
C ASN C 73 -14.38 -10.14 -0.15
N ARG C 74 -13.53 -9.77 0.82
CA ARG C 74 -12.29 -10.49 1.09
C ARG C 74 -11.29 -10.75 -0.10
N ARG C 75 -11.56 -9.84 -1.05
CA ARG C 75 -10.85 -9.63 -2.28
C ARG C 75 -10.23 -8.22 -2.24
N LEU C 76 -8.91 -8.19 -2.48
CA LEU C 76 -8.19 -6.92 -2.52
C LEU C 76 -8.30 -6.33 -3.91
N THR C 77 -9.08 -5.25 -3.89
CA THR C 77 -9.27 -4.40 -5.06
C THR C 77 -8.95 -2.93 -4.72
N TRP C 78 -9.47 -1.89 -5.36
CA TRP C 78 -9.19 -0.49 -5.00
C TRP C 78 -10.39 0.29 -5.46
N GLU C 79 -10.63 1.50 -5.03
CA GLU C 79 -11.80 2.18 -5.55
C GLU C 79 -11.61 3.66 -5.43
N TYR C 80 -12.34 4.45 -6.20
CA TYR C 80 -12.24 5.90 -6.12
C TYR C 80 -12.89 6.36 -4.84
N CYS C 81 -12.42 7.48 -4.31
CA CYS C 81 -12.98 8.00 -3.08
C CYS C 81 -14.16 8.92 -3.24
N ASP C 82 -14.90 9.07 -2.16
CA ASP C 82 -16.07 9.90 -2.12
C ASP C 82 -15.76 11.32 -1.64
N VAL C 83 -14.85 11.98 -2.38
CA VAL C 83 -14.43 13.37 -2.15
C VAL C 83 -15.07 14.09 -3.32
N PRO C 84 -15.83 15.16 -3.15
CA PRO C 84 -16.25 16.01 -4.23
C PRO C 84 -15.11 16.80 -4.86
N SER C 85 -15.39 17.06 -6.12
CA SER C 85 -14.55 17.97 -6.86
C SER C 85 -14.84 19.37 -6.38
N CYS C 86 -13.84 20.27 -6.30
CA CYS C 86 -14.14 21.65 -5.92
C CYS C 86 -14.93 22.40 -6.97
N SER C 87 -15.26 21.68 -8.06
CA SER C 87 -16.05 22.17 -9.18
C SER C 87 -17.31 21.33 -9.52
N THR C 88 -18.14 20.92 -8.51
CA THR C 88 -19.43 20.15 -8.65
C THR C 88 -20.58 20.57 -7.66
#